data_6X8L
#
_entry.id   6X8L
#
_cell.length_a   88.296
_cell.length_b   88.296
_cell.length_c   187.280
_cell.angle_alpha   90.000
_cell.angle_beta   90.000
_cell.angle_gamma   120.000
#
_symmetry.space_group_name_H-M   'P 32 2 1'
#
loop_
_entity.id
_entity.type
_entity.pdbx_description
1 polymer Caspase-7
2 polymer Caspase-7
3 polymer 'ketomethylene inhibitor'
4 water water
#
loop_
_entity_poly.entity_id
_entity_poly.type
_entity_poly.pdbx_seq_one_letter_code
_entity_poly.pdbx_strand_id
1 'polypeptide(L)'
;MADDQGCIEEQGVEDSANEDSVDAKPDRSSFVPSLFSKKKKNVTMRSIKTTRDRVPTYQYNMNFEKLGKCIIINNKNFDK
VTGMGVRNGTDKDAEALFKCFRSLGFDVIVYNDCSCAKMQDLLKKASEEDHTNAACFACILLSHGEENVIYGKDGVTPIK
DLTAHFRGDRCKTLLEKPKLFFIQACRGTELDDGIQAD
;
A,B
2 'polypeptide(L)'
;SGPINDTDANPRYKIPVEADFLFAYSTVPGYYSWRSPGRGSWFVQALCSILEEHGKDLEIMQILTRVNDRVARHFESQSD
DPHFHEKKQIPCVVSMLTKELYFSQLEHHHHHH
;
C,D
3 'polypeptide(L)' (ACE)DEV(Y2Y)AAA E,F
#
loop_
_chem_comp.id
_chem_comp.type
_chem_comp.name
_chem_comp.formula
ACE non-polymer 'ACETYL GROUP' 'C2 H4 O'
Y2Y non-polymer '(3S,4R)-3-amino-4-hydroxyheptanedioic acid' 'C7 H13 N O5'
#
# COMPACT_ATOMS: atom_id res chain seq x y z
N THR A 57 23.25 5.29 2.60
CA THR A 57 22.71 6.58 2.18
C THR A 57 21.28 6.39 1.66
N TYR A 58 21.05 5.24 1.03
CA TYR A 58 19.73 4.84 0.57
C TYR A 58 19.12 3.69 1.37
N GLN A 59 19.79 3.24 2.44
CA GLN A 59 19.26 2.18 3.28
C GLN A 59 19.05 2.68 4.69
N TYR A 60 18.13 2.02 5.40
CA TYR A 60 17.95 2.30 6.82
C TYR A 60 19.21 1.85 7.56
N ASN A 61 19.72 2.71 8.42
CA ASN A 61 20.88 2.40 9.26
C ASN A 61 20.55 1.20 10.16
N MET A 62 21.31 0.11 10.00
CA MET A 62 21.12 -1.08 10.82
C MET A 62 22.20 -1.26 11.87
N ASN A 63 22.97 -0.22 12.21
CA ASN A 63 24.06 -0.39 13.18
C ASN A 63 23.55 0.03 14.56
N PHE A 64 22.88 -0.92 15.21
CA PHE A 64 22.34 -0.73 16.56
C PHE A 64 22.68 -2.00 17.33
N GLU A 65 22.59 -1.92 18.66
CA GLU A 65 22.85 -3.12 19.46
C GLU A 65 21.86 -4.22 19.10
N LYS A 66 20.60 -3.83 18.81
CA LYS A 66 19.51 -4.77 18.63
C LYS A 66 18.74 -4.51 17.34
N LEU A 67 18.32 -5.60 16.68
CA LEU A 67 17.44 -5.46 15.53
C LEU A 67 16.13 -4.82 15.95
N GLY A 68 15.57 -5.29 17.06
CA GLY A 68 14.42 -4.64 17.66
C GLY A 68 13.38 -5.64 18.13
N LYS A 69 12.28 -5.14 18.65
CA LYS A 69 11.24 -6.01 19.19
C LYS A 69 10.31 -6.51 18.07
N CYS A 70 9.86 -7.76 18.20
CA CYS A 70 8.84 -8.34 17.32
C CYS A 70 7.71 -8.93 18.17
N ILE A 71 6.57 -8.27 18.17
CA ILE A 71 5.43 -8.68 18.97
C ILE A 71 4.48 -9.46 18.06
N ILE A 72 4.19 -10.69 18.42
CA ILE A 72 3.20 -11.50 17.72
C ILE A 72 1.96 -11.61 18.60
N ILE A 73 0.81 -11.23 18.04
CA ILE A 73 -0.48 -11.45 18.69
C ILE A 73 -1.18 -12.57 17.95
N ASN A 74 -1.38 -13.70 18.63
CA ASN A 74 -1.91 -14.93 18.04
C ASN A 74 -3.29 -15.19 18.60
N ASN A 75 -4.32 -14.79 17.84
CA ASN A 75 -5.71 -14.88 18.29
C ASN A 75 -6.38 -16.09 17.67
N LYS A 76 -6.67 -17.10 18.48
CA LYS A 76 -7.25 -18.34 17.99
C LYS A 76 -8.70 -18.56 18.42
N ASN A 77 -9.05 -18.15 19.63
CA ASN A 77 -10.35 -18.43 20.24
C ASN A 77 -11.09 -17.12 20.49
N PHE A 78 -12.40 -17.13 20.22
CA PHE A 78 -13.24 -15.94 20.27
C PHE A 78 -14.51 -16.23 21.02
N ASP A 79 -14.94 -15.27 21.84
CA ASP A 79 -16.22 -15.37 22.50
C ASP A 79 -17.33 -15.64 21.48
N LYS A 80 -18.26 -16.53 21.85
CA LYS A 80 -19.38 -16.87 20.96
C LYS A 80 -20.13 -15.63 20.48
N VAL A 81 -20.30 -14.62 21.35
CA VAL A 81 -21.13 -13.47 21.01
C VAL A 81 -20.60 -12.69 19.82
N THR A 82 -19.32 -12.83 19.49
CA THR A 82 -18.79 -12.19 18.29
C THR A 82 -19.22 -12.89 17.01
N GLY A 83 -19.76 -14.10 17.10
CA GLY A 83 -20.06 -14.87 15.90
C GLY A 83 -18.87 -15.51 15.21
N MET A 84 -17.66 -15.44 15.77
CA MET A 84 -16.45 -15.91 15.09
C MET A 84 -16.06 -17.31 15.57
N GLY A 85 -15.56 -18.12 14.63
CA GLY A 85 -15.11 -19.45 14.94
C GLY A 85 -13.61 -19.53 15.22
N VAL A 86 -13.21 -20.69 15.75
CA VAL A 86 -11.82 -20.91 16.13
C VAL A 86 -10.97 -20.96 14.87
N ARG A 87 -9.80 -20.32 14.93
CA ARG A 87 -8.90 -20.23 13.79
C ARG A 87 -7.87 -21.36 13.83
N ASN A 88 -8.35 -22.58 13.56
CA ASN A 88 -7.44 -23.70 13.53
C ASN A 88 -6.35 -23.46 12.48
N GLY A 89 -5.13 -23.84 12.82
CA GLY A 89 -3.97 -23.56 12.01
C GLY A 89 -3.13 -22.39 12.48
N THR A 90 -3.68 -21.51 13.32
CA THR A 90 -2.93 -20.30 13.64
C THR A 90 -1.78 -20.58 14.62
N ASP A 91 -1.85 -21.65 15.42
CA ASP A 91 -0.69 -22.04 16.23
C ASP A 91 0.49 -22.38 15.34
N LYS A 92 0.25 -23.14 14.26
CA LYS A 92 1.36 -23.45 13.36
C LYS A 92 1.95 -22.17 12.75
N ASP A 93 1.11 -21.18 12.44
CA ASP A 93 1.60 -19.87 11.97
C ASP A 93 2.47 -19.19 13.02
N ALA A 94 1.99 -19.12 14.25
CA ALA A 94 2.73 -18.42 15.29
C ALA A 94 4.09 -19.09 15.54
N GLU A 95 4.13 -20.43 15.53
CA GLU A 95 5.40 -21.12 15.73
C GLU A 95 6.37 -20.82 14.59
N ALA A 96 5.89 -20.92 13.34
CA ALA A 96 6.76 -20.67 12.20
C ALA A 96 7.24 -19.23 12.16
N LEU A 97 6.39 -18.27 12.54
CA LEU A 97 6.80 -16.87 12.48
C LEU A 97 7.78 -16.55 13.60
N PHE A 98 7.50 -17.03 14.81
CA PHE A 98 8.43 -16.81 15.90
C PHE A 98 9.83 -17.32 15.53
N LYS A 99 9.93 -18.49 14.89
CA LYS A 99 11.24 -19.03 14.56
C LYS A 99 11.93 -18.19 13.50
N CYS A 100 11.18 -17.75 12.49
CA CYS A 100 11.72 -16.89 11.43
C CYS A 100 12.24 -15.58 12.00
N PHE A 101 11.44 -14.92 12.83
CA PHE A 101 11.83 -13.59 13.29
C PHE A 101 12.91 -13.64 14.37
N ARG A 102 12.94 -14.68 15.20
CA ARG A 102 14.07 -14.88 16.10
C ARG A 102 15.35 -15.10 15.31
N SER A 103 15.26 -15.91 14.25
CA SER A 103 16.41 -16.21 13.40
C SER A 103 16.94 -14.96 12.72
N LEU A 104 16.07 -13.99 12.42
CA LEU A 104 16.50 -12.74 11.82
C LEU A 104 17.21 -11.83 12.81
N GLY A 105 17.04 -12.07 14.11
CA GLY A 105 17.65 -11.25 15.13
C GLY A 105 16.69 -10.43 16.00
N PHE A 106 15.38 -10.63 15.86
CA PHE A 106 14.38 -9.90 16.66
C PHE A 106 14.20 -10.51 18.06
N ASP A 107 13.89 -9.66 19.04
CA ASP A 107 13.40 -10.09 20.36
C ASP A 107 11.91 -10.42 20.22
N VAL A 108 11.58 -11.70 20.13
CA VAL A 108 10.23 -12.13 19.79
C VAL A 108 9.42 -12.39 21.05
N ILE A 109 8.21 -11.82 21.10
CA ILE A 109 7.24 -12.02 22.18
C ILE A 109 5.88 -12.42 21.59
N VAL A 110 5.30 -13.51 22.10
CA VAL A 110 4.06 -14.05 21.56
C VAL A 110 2.95 -13.94 22.60
N TYR A 111 1.88 -13.22 22.26
CA TYR A 111 0.66 -13.07 23.07
C TYR A 111 -0.46 -13.91 22.46
N ASN A 112 -1.36 -14.39 23.31
CA ASN A 112 -2.34 -15.38 22.88
C ASN A 112 -3.74 -15.00 23.35
N ASP A 113 -4.70 -15.04 22.40
CA ASP A 113 -6.12 -14.85 22.66
C ASP A 113 -6.39 -13.54 23.43
N CYS A 114 -5.98 -12.43 22.83
CA CYS A 114 -6.04 -11.14 23.50
C CYS A 114 -7.39 -10.47 23.28
N SER A 115 -7.90 -9.86 24.35
CA SER A 115 -9.02 -8.94 24.22
C SER A 115 -8.60 -7.70 23.45
N CYS A 116 -9.60 -6.93 23.00
CA CYS A 116 -9.34 -5.67 22.31
C CYS A 116 -8.56 -4.72 23.21
N ALA A 117 -9.01 -4.56 24.46
CA ALA A 117 -8.29 -3.71 25.40
C ALA A 117 -6.85 -4.19 25.63
N LYS A 118 -6.65 -5.51 25.79
CA LYS A 118 -5.30 -6.05 25.87
C LYS A 118 -4.46 -5.63 24.67
N MET A 119 -4.96 -5.83 23.44
CA MET A 119 -4.19 -5.47 22.25
C MET A 119 -3.81 -4.00 22.25
N GLN A 120 -4.77 -3.11 22.53
CA GLN A 120 -4.45 -1.69 22.57
C GLN A 120 -3.42 -1.39 23.63
N ASP A 121 -3.52 -2.05 24.79
CA ASP A 121 -2.60 -1.80 25.88
C ASP A 121 -1.19 -2.32 25.56
N LEU A 122 -1.09 -3.56 25.05
CA LEU A 122 0.19 -4.11 24.59
C LEU A 122 0.94 -3.10 23.73
N LEU A 123 0.27 -2.60 22.70
CA LEU A 123 0.96 -1.78 21.73
C LEU A 123 1.26 -0.40 22.29
N LYS A 124 0.35 0.14 23.12
CA LYS A 124 0.62 1.42 23.76
C LYS A 124 1.86 1.34 24.64
N LYS A 125 1.96 0.28 25.46
CA LYS A 125 3.17 0.10 26.28
C LYS A 125 4.40 -0.12 25.41
N ALA A 126 4.27 -0.90 24.34
CA ALA A 126 5.45 -1.17 23.50
C ALA A 126 5.97 0.12 22.87
N SER A 127 5.08 1.05 22.55
CA SER A 127 5.54 2.32 21.98
C SER A 127 6.11 3.27 23.03
N GLU A 128 5.86 3.02 24.32
CA GLU A 128 6.38 3.85 25.38
C GLU A 128 7.73 3.37 25.90
N GLU A 129 8.17 2.19 25.47
CA GLU A 129 9.48 1.66 25.83
C GLU A 129 10.56 2.38 25.04
N ASP A 130 11.82 2.19 25.49
CA ASP A 130 12.98 2.87 24.92
C ASP A 130 13.54 2.02 23.77
N HIS A 131 13.42 2.52 22.53
CA HIS A 131 13.89 1.80 21.36
C HIS A 131 15.16 2.41 20.80
N THR A 132 15.72 3.41 21.50
CA THR A 132 16.98 4.06 21.14
C THR A 132 18.00 3.11 20.56
N ASN A 133 18.18 1.94 21.15
CA ASN A 133 19.23 1.04 20.71
C ASN A 133 18.73 -0.06 19.78
N ALA A 134 17.51 0.08 19.26
CA ALA A 134 16.94 -0.86 18.30
C ALA A 134 16.91 -0.22 16.92
N ALA A 135 17.11 -1.06 15.89
CA ALA A 135 17.11 -0.60 14.50
C ALA A 135 15.70 -0.43 13.93
N CYS A 136 14.74 -1.27 14.32
CA CYS A 136 13.38 -1.16 13.82
C CYS A 136 12.41 -1.77 14.83
N PHE A 137 11.18 -1.97 14.38
CA PHE A 137 10.15 -2.59 15.21
C PHE A 137 9.18 -3.36 14.30
N ALA A 138 8.72 -4.50 14.77
CA ALA A 138 7.81 -5.35 14.00
C ALA A 138 6.66 -5.79 14.89
N CYS A 139 5.49 -5.90 14.28
CA CYS A 139 4.31 -6.38 14.96
C CYS A 139 3.58 -7.30 13.99
N ILE A 140 3.07 -8.41 14.49
CA ILE A 140 2.41 -9.41 13.65
C ILE A 140 1.09 -9.73 14.30
N LEU A 141 0.00 -9.49 13.56
CA LEU A 141 -1.37 -9.76 14.00
C LEU A 141 -1.92 -10.95 13.22
N LEU A 142 -2.37 -11.96 13.94
CA LEU A 142 -3.04 -13.13 13.36
C LEU A 142 -4.40 -13.20 14.03
N SER A 143 -5.46 -12.94 13.26
CA SER A 143 -6.78 -12.87 13.86
C SER A 143 -7.84 -12.84 12.76
N HIS A 144 -9.09 -12.76 13.19
CA HIS A 144 -10.19 -12.39 12.32
C HIS A 144 -10.14 -10.89 12.08
N GLY A 145 -10.68 -10.48 10.93
CA GLY A 145 -10.83 -9.07 10.63
C GLY A 145 -12.03 -8.83 9.73
N GLU A 146 -12.37 -7.54 9.60
CA GLU A 146 -13.19 -7.01 8.51
C GLU A 146 -12.48 -5.75 8.05
N GLU A 147 -13.06 -5.00 7.10
CA GLU A 147 -12.31 -3.89 6.53
C GLU A 147 -11.95 -2.86 7.60
N ASN A 148 -10.67 -2.47 7.63
CA ASN A 148 -10.07 -1.49 8.53
C ASN A 148 -10.04 -1.92 9.99
N VAL A 149 -10.28 -3.19 10.28
CA VAL A 149 -10.68 -3.61 11.61
C VAL A 149 -10.13 -5.00 11.91
N ILE A 150 -9.71 -5.21 13.15
CA ILE A 150 -9.21 -6.51 13.55
C ILE A 150 -9.94 -6.94 14.82
N TYR A 151 -10.18 -8.23 14.94
CA TYR A 151 -10.88 -8.80 16.09
C TYR A 151 -9.94 -9.10 17.25
N GLY A 152 -10.31 -8.67 18.45
CA GLY A 152 -9.90 -9.30 19.68
C GLY A 152 -10.85 -10.44 19.95
N LYS A 153 -10.72 -11.05 21.13
CA LYS A 153 -11.63 -12.14 21.43
C LYS A 153 -13.04 -11.64 21.73
N ASP A 154 -13.17 -10.38 22.15
CA ASP A 154 -14.44 -9.83 22.58
C ASP A 154 -15.06 -8.83 21.59
N GLY A 155 -14.39 -8.55 20.46
CA GLY A 155 -14.99 -7.67 19.47
C GLY A 155 -13.95 -7.18 18.47
N VAL A 156 -14.20 -6.00 17.91
CA VAL A 156 -13.31 -5.45 16.89
C VAL A 156 -12.77 -4.11 17.33
N THR A 157 -11.55 -3.81 16.89
CA THR A 157 -10.88 -2.54 17.09
C THR A 157 -10.25 -2.08 15.78
N PRO A 158 -10.19 -0.76 15.53
CA PRO A 158 -9.61 -0.27 14.26
C PRO A 158 -8.10 -0.49 14.20
N ILE A 159 -7.63 -0.93 13.04
CA ILE A 159 -6.20 -1.16 12.86
C ILE A 159 -5.41 0.14 12.97
N LYS A 160 -5.95 1.26 12.49
CA LYS A 160 -5.20 2.52 12.57
C LYS A 160 -4.96 2.92 14.02
N ASP A 161 -5.92 2.63 14.90
CA ASP A 161 -5.74 2.97 16.30
C ASP A 161 -4.67 2.11 16.96
N LEU A 162 -4.44 0.89 16.47
CA LEU A 162 -3.36 0.04 16.99
C LEU A 162 -2.00 0.55 16.55
N THR A 163 -1.88 1.01 15.30
CA THR A 163 -0.60 1.45 14.77
C THR A 163 -0.30 2.92 15.06
N ALA A 164 -1.30 3.74 15.36
CA ALA A 164 -1.04 5.16 15.62
C ALA A 164 -0.17 5.38 16.85
N HIS A 165 -0.15 4.42 17.78
CA HIS A 165 0.77 4.51 18.93
C HIS A 165 2.21 4.72 18.49
N PHE A 166 2.58 4.26 17.29
CA PHE A 166 3.98 4.33 16.87
C PHE A 166 4.26 5.49 15.92
N ARG A 167 3.30 6.39 15.75
CA ARG A 167 3.52 7.59 14.96
C ARG A 167 4.71 8.37 15.49
N GLY A 168 5.27 9.23 14.64
CA GLY A 168 6.50 9.91 15.00
C GLY A 168 6.37 10.78 16.23
N ASP A 169 5.24 11.47 16.38
CA ASP A 169 5.02 12.36 17.52
C ASP A 169 4.63 11.62 18.80
N ARG A 170 4.43 10.30 18.73
CA ARG A 170 3.98 9.52 19.88
C ARG A 170 4.96 8.42 20.26
N CYS A 171 6.09 8.31 19.57
CA CYS A 171 7.05 7.29 19.92
C CYS A 171 8.39 7.81 19.40
N LYS A 172 8.95 8.77 20.14
CA LYS A 172 10.13 9.48 19.65
C LYS A 172 11.32 8.56 19.46
N THR A 173 11.36 7.38 20.10
CA THR A 173 12.52 6.51 19.96
C THR A 173 12.49 5.66 18.69
N LEU A 174 11.38 5.66 17.94
CA LEU A 174 11.34 4.97 16.67
C LEU A 174 11.33 5.94 15.50
N LEU A 175 11.47 7.23 15.76
CA LEU A 175 11.54 8.24 14.71
C LEU A 175 12.62 7.89 13.68
N GLU A 176 12.26 7.95 12.39
CA GLU A 176 13.16 7.64 11.28
C GLU A 176 13.54 6.17 11.22
N LYS A 177 12.81 5.32 11.94
CA LYS A 177 13.11 3.90 11.93
C LYS A 177 11.90 3.14 11.39
N PRO A 178 12.12 2.05 10.66
CA PRO A 178 10.98 1.33 10.08
C PRO A 178 10.13 0.66 11.15
N LYS A 179 8.82 0.91 11.11
CA LYS A 179 7.85 0.22 11.93
C LYS A 179 7.04 -0.68 11.01
N LEU A 180 7.14 -2.00 11.21
CA LEU A 180 6.55 -3.00 10.31
C LEU A 180 5.37 -3.69 10.99
N PHE A 181 4.28 -3.83 10.24
CA PHE A 181 3.09 -4.54 10.70
C PHE A 181 2.68 -5.56 9.64
N PHE A 182 2.64 -6.83 10.02
CA PHE A 182 2.19 -7.92 9.17
C PHE A 182 0.86 -8.40 9.72
N ILE A 183 -0.16 -8.47 8.86
CA ILE A 183 -1.53 -8.68 9.30
C ILE A 183 -2.16 -9.81 8.49
N GLN A 184 -2.37 -10.94 9.16
CA GLN A 184 -3.14 -12.05 8.64
C GLN A 184 -4.54 -11.91 9.23
N ALA A 185 -5.50 -11.48 8.41
CA ALA A 185 -6.89 -11.25 8.81
C ALA A 185 -7.73 -10.95 7.57
N CYS A 186 -8.99 -11.37 7.61
CA CYS A 186 -9.93 -10.99 6.55
C CYS A 186 -10.13 -9.48 6.54
N ARG A 187 -10.35 -8.93 5.35
CA ARG A 187 -10.57 -7.49 5.22
C ARG A 187 -11.91 -7.18 4.55
N GLY A 188 -12.86 -8.10 4.69
CA GLY A 188 -14.14 -8.00 4.04
C GLY A 188 -14.65 -9.41 3.72
N THR A 189 -15.62 -9.48 2.81
CA THR A 189 -16.34 -10.70 2.53
C THR A 189 -16.30 -11.09 1.05
N GLU A 190 -15.51 -10.41 0.23
CA GLU A 190 -15.39 -10.75 -1.18
C GLU A 190 -14.43 -11.90 -1.39
N LEU A 191 -14.66 -12.65 -2.47
CA LEU A 191 -13.82 -13.77 -2.86
C LEU A 191 -13.24 -13.51 -4.23
N ASP A 192 -11.97 -13.86 -4.42
CA ASP A 192 -11.29 -13.73 -5.70
C ASP A 192 -11.45 -15.04 -6.47
N ASP A 193 -12.30 -15.02 -7.51
CA ASP A 193 -12.58 -16.25 -8.28
C ASP A 193 -11.43 -16.65 -9.19
N GLY A 194 -10.54 -15.72 -9.56
CA GLY A 194 -9.37 -16.03 -10.33
C GLY A 194 -9.63 -16.01 -11.82
N ILE A 195 -8.59 -16.33 -12.58
CA ILE A 195 -8.67 -16.40 -14.04
C ILE A 195 -7.44 -17.13 -14.57
N GLN A 196 -7.62 -17.96 -15.59
CA GLN A 196 -6.51 -18.73 -16.14
C GLN A 196 -5.70 -17.86 -17.12
N LYS B 14 12.52 18.73 10.34
CA LYS B 14 11.20 18.18 10.63
C LYS B 14 10.80 17.00 9.71
N ILE B 15 10.00 16.07 10.25
CA ILE B 15 9.69 14.76 9.67
C ILE B 15 8.22 14.45 9.82
N PRO B 16 7.55 13.90 8.80
CA PRO B 16 6.11 13.64 8.91
C PRO B 16 5.83 12.54 9.92
N VAL B 17 4.77 12.72 10.71
CA VAL B 17 4.50 11.76 11.77
C VAL B 17 4.08 10.41 11.21
N GLU B 18 3.70 10.32 9.94
CA GLU B 18 3.27 9.04 9.37
C GLU B 18 4.37 8.34 8.57
N ALA B 19 5.54 8.93 8.44
CA ALA B 19 6.63 8.32 7.70
C ALA B 19 7.10 7.00 8.35
N ASP B 20 7.68 6.12 7.52
CA ASP B 20 8.44 4.94 7.95
C ASP B 20 7.57 3.82 8.51
N PHE B 21 6.31 3.73 8.08
CA PHE B 21 5.46 2.57 8.33
C PHE B 21 5.46 1.66 7.11
N LEU B 22 5.27 0.37 7.36
CA LEU B 22 5.01 -0.59 6.29
C LEU B 22 3.94 -1.55 6.77
N PHE B 23 2.91 -1.75 5.97
CA PHE B 23 1.83 -2.68 6.28
C PHE B 23 1.84 -3.79 5.23
N ALA B 24 2.04 -5.01 5.68
CA ALA B 24 2.03 -6.19 4.84
C ALA B 24 0.74 -6.95 5.17
N TYR B 25 -0.31 -6.70 4.40
CA TYR B 25 -1.60 -7.37 4.59
C TYR B 25 -1.65 -8.68 3.80
N SER B 26 -2.31 -9.70 4.36
CA SER B 26 -2.43 -10.96 3.65
C SER B 26 -3.35 -10.86 2.44
N THR B 27 -4.15 -9.80 2.35
CA THR B 27 -5.14 -9.75 1.30
C THR B 27 -5.46 -8.29 0.98
N VAL B 28 -6.20 -8.06 -0.10
CA VAL B 28 -6.49 -6.70 -0.53
C VAL B 28 -7.73 -6.22 0.24
N PRO B 29 -7.97 -4.91 0.34
CA PRO B 29 -9.17 -4.43 1.03
C PRO B 29 -10.43 -5.06 0.45
N GLY B 30 -11.36 -5.43 1.32
CA GLY B 30 -12.63 -5.96 0.89
C GLY B 30 -12.71 -7.47 0.82
N TYR B 31 -11.59 -8.18 0.84
CA TYR B 31 -11.59 -9.61 0.53
C TYR B 31 -11.36 -10.45 1.77
N TYR B 32 -11.76 -11.72 1.67
CA TYR B 32 -11.38 -12.71 2.66
C TYR B 32 -9.90 -12.97 2.57
N SER B 33 -9.42 -13.69 3.58
CA SER B 33 -8.05 -14.18 3.61
C SER B 33 -8.14 -15.65 3.97
N TRP B 34 -7.31 -16.47 3.34
CA TRP B 34 -7.48 -17.91 3.39
C TRP B 34 -6.48 -18.55 4.36
N ARG B 35 -6.92 -19.64 4.98
CA ARG B 35 -6.17 -20.29 6.04
C ARG B 35 -6.38 -21.80 5.95
N SER B 36 -5.30 -22.54 5.90
CA SER B 36 -5.39 -23.99 5.88
C SER B 36 -5.28 -24.52 7.31
N PRO B 37 -6.32 -25.17 7.84
CA PRO B 37 -6.28 -25.59 9.25
C PRO B 37 -5.11 -26.51 9.57
N GLY B 38 -4.55 -27.20 8.60
CA GLY B 38 -3.47 -28.11 8.86
C GLY B 38 -2.10 -27.54 8.59
N ARG B 39 -1.99 -26.66 7.60
CA ARG B 39 -0.70 -26.09 7.24
C ARG B 39 -0.52 -24.65 7.71
N GLY B 40 -1.60 -23.96 8.07
CA GLY B 40 -1.51 -22.55 8.45
C GLY B 40 -1.99 -21.65 7.33
N SER B 41 -2.02 -20.35 7.63
CA SER B 41 -2.55 -19.40 6.67
C SER B 41 -1.63 -19.27 5.46
N TRP B 42 -2.22 -18.99 4.29
CA TRP B 42 -1.44 -19.00 3.04
C TRP B 42 -0.36 -17.94 3.07
N PHE B 43 -0.71 -16.73 3.49
CA PHE B 43 0.25 -15.65 3.54
C PHE B 43 1.41 -15.96 4.49
N VAL B 44 1.12 -16.55 5.65
CA VAL B 44 2.19 -16.81 6.61
C VAL B 44 3.11 -17.93 6.12
N GLN B 45 2.52 -19.04 5.64
CA GLN B 45 3.30 -20.06 4.93
C GLN B 45 4.25 -19.43 3.93
N ALA B 46 3.73 -18.63 3.00
CA ALA B 46 4.59 -18.05 1.98
C ALA B 46 5.67 -17.17 2.59
N LEU B 47 5.29 -16.33 3.56
CA LEU B 47 6.22 -15.39 4.17
C LEU B 47 7.39 -16.12 4.83
N CYS B 48 7.10 -17.12 5.66
CA CYS B 48 8.16 -17.85 6.35
C CYS B 48 9.05 -18.59 5.36
N SER B 49 8.46 -19.19 4.32
CA SER B 49 9.24 -19.84 3.27
C SER B 49 10.24 -18.88 2.66
N ILE B 50 9.78 -17.71 2.20
CA ILE B 50 10.68 -16.75 1.57
C ILE B 50 11.72 -16.23 2.56
N LEU B 51 11.34 -16.04 3.82
CA LEU B 51 12.26 -15.45 4.78
C LEU B 51 13.38 -16.41 5.16
N GLU B 52 13.10 -17.71 5.21
CA GLU B 52 14.15 -18.68 5.50
C GLU B 52 15.25 -18.63 4.46
N GLU B 53 14.88 -18.61 3.18
CA GLU B 53 15.87 -18.63 2.11
C GLU B 53 16.53 -17.28 1.89
N HIS B 54 15.78 -16.18 2.02
CA HIS B 54 16.27 -14.89 1.55
C HIS B 54 16.13 -13.77 2.56
N GLY B 55 15.77 -14.07 3.80
CA GLY B 55 15.50 -13.02 4.77
C GLY B 55 16.67 -12.12 5.06
N LYS B 56 17.89 -12.62 4.86
CA LYS B 56 19.06 -11.80 5.12
C LYS B 56 19.69 -11.27 3.84
N ASP B 57 19.20 -11.68 2.68
CA ASP B 57 19.75 -11.34 1.38
C ASP B 57 18.93 -10.29 0.62
N LEU B 58 17.61 -10.25 0.81
CA LEU B 58 16.75 -9.41 0.00
C LEU B 58 16.24 -8.20 0.77
N GLU B 59 16.00 -7.11 0.04
CA GLU B 59 15.30 -5.94 0.59
C GLU B 59 13.85 -6.32 0.89
N ILE B 60 13.26 -5.62 1.87
CA ILE B 60 11.94 -6.03 2.36
C ILE B 60 10.91 -6.04 1.22
N MET B 61 10.98 -5.06 0.30
CA MET B 61 10.03 -5.02 -0.81
C MET B 61 10.23 -6.17 -1.78
N GLN B 62 11.50 -6.55 -2.01
CA GLN B 62 11.79 -7.77 -2.77
C GLN B 62 11.19 -9.01 -2.11
N ILE B 63 11.33 -9.13 -0.78
CA ILE B 63 10.75 -10.27 -0.08
C ILE B 63 9.23 -10.28 -0.24
N LEU B 64 8.59 -9.14 0.00
CA LEU B 64 7.13 -9.14 -0.01
C LEU B 64 6.58 -9.30 -1.42
N THR B 65 7.32 -8.81 -2.44
CA THR B 65 6.91 -9.04 -3.82
C THR B 65 6.93 -10.53 -4.16
N ARG B 66 7.97 -11.24 -3.68
CA ARG B 66 8.04 -12.69 -3.88
C ARG B 66 6.94 -13.39 -3.09
N VAL B 67 6.61 -12.88 -1.90
CA VAL B 67 5.47 -13.42 -1.16
C VAL B 67 4.18 -13.23 -1.97
N ASN B 68 4.01 -12.04 -2.55
CA ASN B 68 2.84 -11.80 -3.40
C ASN B 68 2.76 -12.86 -4.49
N ASP B 69 3.88 -13.11 -5.17
CA ASP B 69 3.88 -14.08 -6.26
C ASP B 69 3.52 -15.48 -5.75
N ARG B 70 4.09 -15.89 -4.61
N ARG B 70 4.09 -15.88 -4.61
CA ARG B 70 3.87 -17.25 -4.14
CA ARG B 70 3.88 -17.24 -4.12
C ARG B 70 2.42 -17.47 -3.73
C ARG B 70 2.43 -17.47 -3.72
N VAL B 71 1.81 -16.50 -3.03
CA VAL B 71 0.42 -16.64 -2.66
C VAL B 71 -0.45 -16.66 -3.92
N ALA B 72 -0.13 -15.80 -4.88
CA ALA B 72 -0.93 -15.68 -6.10
C ALA B 72 -0.90 -16.96 -6.93
N ARG B 73 0.27 -17.59 -7.04
CA ARG B 73 0.44 -18.73 -7.94
C ARG B 73 0.34 -20.09 -7.27
N HIS B 74 0.76 -20.24 -6.02
CA HIS B 74 0.85 -21.57 -5.43
C HIS B 74 -0.42 -22.03 -4.71
N PHE B 75 -1.40 -21.16 -4.46
CA PHE B 75 -2.50 -21.50 -3.58
C PHE B 75 -3.85 -21.35 -4.28
N GLU B 76 -4.70 -22.39 -4.13
CA GLU B 76 -6.08 -22.34 -4.56
C GLU B 76 -6.92 -23.08 -3.53
N SER B 77 -8.07 -22.50 -3.17
CA SER B 77 -8.85 -23.03 -2.06
C SER B 77 -9.55 -24.33 -2.44
N GLN B 78 -9.59 -25.26 -1.48
CA GLN B 78 -10.39 -26.48 -1.56
C GLN B 78 -11.53 -26.37 -0.56
N SER B 79 -12.76 -26.57 -1.02
CA SER B 79 -13.90 -26.45 -0.14
C SER B 79 -14.98 -27.43 -0.57
N ASP B 80 -15.71 -27.95 0.42
CA ASP B 80 -16.97 -28.65 0.14
C ASP B 80 -17.97 -27.69 -0.49
N ASP B 81 -18.33 -26.64 0.26
CA ASP B 81 -19.17 -25.56 -0.23
C ASP B 81 -18.62 -25.02 -1.55
N PRO B 82 -19.39 -25.11 -2.65
CA PRO B 82 -18.85 -24.68 -3.95
C PRO B 82 -18.76 -23.17 -4.11
N HIS B 83 -19.48 -22.41 -3.28
CA HIS B 83 -19.33 -20.97 -3.29
C HIS B 83 -17.93 -20.54 -2.87
N PHE B 84 -17.27 -21.36 -2.04
CA PHE B 84 -15.94 -21.10 -1.51
C PHE B 84 -14.87 -21.97 -2.18
N HIS B 85 -15.19 -22.60 -3.31
CA HIS B 85 -14.29 -23.55 -3.95
C HIS B 85 -13.43 -22.88 -5.03
N GLU B 86 -12.16 -23.27 -5.07
CA GLU B 86 -11.20 -22.86 -6.12
C GLU B 86 -10.92 -21.35 -6.12
N LYS B 87 -11.00 -20.67 -4.98
CA LYS B 87 -10.77 -19.24 -4.91
C LYS B 87 -9.28 -18.91 -4.77
N LYS B 88 -8.93 -17.66 -5.09
CA LYS B 88 -7.55 -17.19 -5.16
C LYS B 88 -7.32 -16.03 -4.19
N GLN B 89 -6.03 -15.72 -3.97
CA GLN B 89 -5.68 -14.66 -3.02
C GLN B 89 -4.45 -13.88 -3.51
N ILE B 90 -4.47 -12.58 -3.27
CA ILE B 90 -3.34 -11.70 -3.58
C ILE B 90 -3.09 -10.83 -2.36
N PRO B 91 -1.88 -10.84 -1.77
CA PRO B 91 -1.59 -9.95 -0.63
C PRO B 91 -1.41 -8.50 -1.05
N CYS B 92 -1.19 -7.63 -0.07
CA CYS B 92 -1.25 -6.19 -0.33
C CYS B 92 -0.25 -5.49 0.58
N VAL B 93 0.71 -4.77 0.00
CA VAL B 93 1.76 -4.08 0.76
C VAL B 93 1.52 -2.57 0.70
N VAL B 94 1.50 -1.91 1.85
CA VAL B 94 1.39 -0.46 1.94
C VAL B 94 2.68 0.08 2.54
N SER B 95 3.40 0.90 1.79
CA SER B 95 4.72 1.35 2.22
C SER B 95 4.75 2.86 2.32
N MET B 96 5.06 3.35 3.52
CA MET B 96 5.49 4.72 3.75
C MET B 96 6.99 4.78 4.05
N LEU B 97 7.73 3.74 3.67
CA LEU B 97 9.15 3.72 3.98
C LEU B 97 9.90 4.74 3.13
N THR B 98 10.97 5.28 3.69
CA THR B 98 11.76 6.30 3.04
C THR B 98 13.12 5.81 2.61
N LYS B 99 13.45 4.54 2.89
CA LYS B 99 14.74 3.95 2.55
C LYS B 99 14.51 2.48 2.28
N GLU B 100 15.48 1.86 1.61
CA GLU B 100 15.53 0.42 1.51
C GLU B 100 15.84 -0.21 2.87
N LEU B 101 15.17 -1.31 3.16
CA LEU B 101 15.30 -2.00 4.45
C LEU B 101 15.95 -3.37 4.23
N TYR B 102 17.11 -3.56 4.82
CA TYR B 102 17.80 -4.84 4.85
C TYR B 102 17.94 -5.27 6.31
N PHE B 103 17.74 -6.56 6.58
CA PHE B 103 17.98 -7.11 7.91
C PHE B 103 19.46 -7.53 8.04
N SER B 104 20.35 -6.53 8.07
CA SER B 104 21.80 -6.80 8.15
C SER B 104 22.64 -5.67 8.78
N THR C 57 13.44 -14.47 -14.01
CA THR C 57 12.37 -15.20 -13.30
C THR C 57 11.72 -14.29 -12.23
N TYR C 58 12.38 -13.18 -11.90
CA TYR C 58 11.91 -12.30 -10.85
C TYR C 58 11.59 -10.88 -11.32
N GLN C 59 11.68 -10.61 -12.62
CA GLN C 59 11.32 -9.31 -13.15
C GLN C 59 10.17 -9.50 -14.13
N TYR C 60 9.40 -8.44 -14.33
CA TYR C 60 8.35 -8.50 -15.33
C TYR C 60 8.97 -8.56 -16.71
N ASN C 61 8.43 -9.44 -17.54
CA ASN C 61 8.76 -9.50 -18.96
C ASN C 61 8.55 -8.13 -19.62
N MET C 62 9.64 -7.49 -20.06
CA MET C 62 9.58 -6.21 -20.76
C MET C 62 9.87 -6.34 -22.24
N ASN C 63 9.85 -7.55 -22.79
CA ASN C 63 10.21 -7.75 -24.20
C ASN C 63 8.95 -7.66 -25.08
N PHE C 64 8.48 -6.43 -25.25
CA PHE C 64 7.33 -6.14 -26.06
C PHE C 64 7.65 -4.98 -26.99
N GLU C 65 6.87 -4.86 -28.06
CA GLU C 65 7.07 -3.78 -29.02
C GLU C 65 6.84 -2.42 -28.38
N LYS C 66 5.92 -2.33 -27.43
CA LYS C 66 5.60 -1.08 -26.76
C LYS C 66 5.77 -1.21 -25.24
N LEU C 67 6.20 -0.11 -24.61
CA LEU C 67 6.13 -0.03 -23.15
C LEU C 67 4.67 -0.02 -22.70
N GLY C 68 3.87 0.87 -23.27
CA GLY C 68 2.43 0.83 -23.05
C GLY C 68 1.79 2.21 -23.14
N LYS C 69 0.48 2.22 -22.94
CA LYS C 69 -0.27 3.47 -22.89
C LYS C 69 -0.14 4.10 -21.51
N CYS C 70 -0.14 5.42 -21.49
CA CYS C 70 -0.17 6.20 -20.26
C CYS C 70 -1.21 7.29 -20.42
N ILE C 71 -2.28 7.23 -19.63
CA ILE C 71 -3.32 8.24 -19.64
C ILE C 71 -3.09 9.19 -18.49
N ILE C 72 -2.95 10.47 -18.80
CA ILE C 72 -2.86 11.52 -17.79
C ILE C 72 -4.18 12.29 -17.79
N ILE C 73 -4.86 12.29 -16.65
CA ILE C 73 -6.06 13.10 -16.46
C ILE C 73 -5.69 14.31 -15.60
N ASN C 74 -5.85 15.51 -16.17
CA ASN C 74 -5.36 16.74 -15.56
C ASN C 74 -6.56 17.70 -15.37
N ASN C 75 -7.11 17.72 -14.14
CA ASN C 75 -8.30 18.50 -13.83
C ASN C 75 -7.90 19.76 -13.06
N LYS C 76 -8.01 20.91 -13.71
CA LYS C 76 -7.63 22.20 -13.17
C LYS C 76 -8.81 23.06 -12.74
N ASN C 77 -9.90 23.05 -13.50
CA ASN C 77 -11.03 23.95 -13.30
C ASN C 77 -12.26 23.11 -12.99
N PHE C 78 -12.98 23.47 -11.94
CA PHE C 78 -14.13 22.68 -11.52
C PHE C 78 -15.41 23.51 -11.54
N ASP C 79 -16.52 22.83 -11.85
CA ASP C 79 -17.81 23.50 -11.90
C ASP C 79 -18.12 24.16 -10.55
N LYS C 80 -18.94 25.22 -10.59
CA LYS C 80 -19.26 25.94 -9.37
C LYS C 80 -20.07 25.08 -8.41
N VAL C 81 -20.85 24.13 -8.94
CA VAL C 81 -21.61 23.19 -8.09
C VAL C 81 -20.70 22.47 -7.10
N THR C 82 -19.46 22.16 -7.49
CA THR C 82 -18.55 21.44 -6.62
C THR C 82 -17.98 22.31 -5.51
N GLY C 83 -17.88 23.61 -5.73
CA GLY C 83 -17.24 24.47 -4.76
C GLY C 83 -15.77 24.24 -4.57
N MET C 84 -15.12 23.49 -5.47
CA MET C 84 -13.67 23.31 -5.42
C MET C 84 -12.97 24.38 -6.26
N GLY C 85 -11.79 24.81 -5.81
CA GLY C 85 -11.09 25.89 -6.43
C GLY C 85 -10.17 25.45 -7.57
N VAL C 86 -9.59 26.45 -8.25
CA VAL C 86 -8.70 26.20 -9.36
C VAL C 86 -7.39 25.63 -8.84
N ARG C 87 -6.89 24.58 -9.49
CA ARG C 87 -5.67 23.90 -9.05
C ARG C 87 -4.46 24.44 -9.82
N ASN C 88 -4.07 25.65 -9.46
CA ASN C 88 -2.92 26.26 -10.12
C ASN C 88 -1.66 25.46 -9.84
N GLY C 89 -0.83 25.31 -10.88
CA GLY C 89 0.33 24.45 -10.81
C GLY C 89 0.14 23.09 -11.44
N THR C 90 -1.11 22.62 -11.56
CA THR C 90 -1.33 21.30 -12.14
C THR C 90 -0.94 21.23 -13.61
N ASP C 91 -0.81 22.37 -14.31
CA ASP C 91 -0.37 22.32 -15.70
C ASP C 91 1.12 22.09 -15.81
N LYS C 92 1.91 22.72 -14.92
CA LYS C 92 3.33 22.40 -14.87
C LYS C 92 3.54 20.93 -14.53
N ASP C 93 2.71 20.37 -13.65
CA ASP C 93 2.85 18.95 -13.30
C ASP C 93 2.58 18.06 -14.50
N ALA C 94 1.50 18.32 -15.23
CA ALA C 94 1.15 17.48 -16.38
C ALA C 94 2.25 17.50 -17.44
N GLU C 95 2.76 18.68 -17.77
CA GLU C 95 3.81 18.75 -18.76
C GLU C 95 5.06 18.00 -18.32
N ALA C 96 5.46 18.16 -17.04
CA ALA C 96 6.62 17.44 -16.50
C ALA C 96 6.40 15.94 -16.54
N LEU C 97 5.23 15.50 -16.08
CA LEU C 97 4.89 14.08 -16.17
C LEU C 97 4.83 13.63 -17.61
N PHE C 98 4.32 14.48 -18.51
CA PHE C 98 4.26 14.10 -19.92
C PHE C 98 5.65 13.79 -20.46
N LYS C 99 6.61 14.66 -20.18
CA LYS C 99 7.98 14.44 -20.68
C LYS C 99 8.65 13.23 -20.02
N CYS C 100 8.49 13.06 -18.69
CA CYS C 100 9.10 11.91 -18.01
C CYS C 100 8.53 10.61 -18.54
N PHE C 101 7.21 10.46 -18.54
CA PHE C 101 6.64 9.18 -18.96
C PHE C 101 6.83 8.94 -20.45
N ARG C 102 6.84 10.00 -21.25
CA ARG C 102 7.27 9.89 -22.65
C ARG C 102 8.70 9.36 -22.73
N SER C 103 9.60 9.95 -21.92
CA SER C 103 11.01 9.57 -21.93
C SER C 103 11.21 8.14 -21.46
N LEU C 104 10.35 7.64 -20.56
CA LEU C 104 10.41 6.24 -20.17
C LEU C 104 10.06 5.31 -21.32
N GLY C 105 9.30 5.78 -22.31
CA GLY C 105 8.86 4.95 -23.41
C GLY C 105 7.35 4.80 -23.54
N PHE C 106 6.56 5.48 -22.70
CA PHE C 106 5.11 5.37 -22.76
C PHE C 106 4.54 6.20 -23.90
N ASP C 107 3.40 5.75 -24.40
CA ASP C 107 2.60 6.56 -25.34
C ASP C 107 1.60 7.34 -24.51
N VAL C 108 1.91 8.61 -24.28
CA VAL C 108 1.16 9.44 -23.33
C VAL C 108 0.11 10.25 -24.06
N ILE C 109 -1.08 10.34 -23.49
CA ILE C 109 -2.10 11.28 -23.93
C ILE C 109 -2.66 11.99 -22.70
N VAL C 110 -2.70 13.32 -22.74
CA VAL C 110 -3.23 14.13 -21.64
C VAL C 110 -4.67 14.53 -21.98
N TYR C 111 -5.59 14.32 -21.04
CA TYR C 111 -7.00 14.73 -21.17
C TYR C 111 -7.29 15.76 -20.09
N ASN C 112 -7.77 16.94 -20.50
CA ASN C 112 -7.96 18.09 -19.61
C ASN C 112 -9.41 18.30 -19.22
N ASP C 113 -9.59 18.83 -18.00
CA ASP C 113 -10.85 19.03 -17.28
C ASP C 113 -11.91 17.97 -17.61
N CYS C 114 -11.72 16.75 -17.13
CA CYS C 114 -12.66 15.69 -17.42
C CYS C 114 -13.81 15.69 -16.44
N SER C 115 -14.95 15.22 -16.92
CA SER C 115 -16.09 14.90 -16.09
C SER C 115 -15.93 13.49 -15.55
N CYS C 116 -16.70 13.18 -14.51
CA CYS C 116 -16.71 11.83 -13.98
C CYS C 116 -17.02 10.80 -15.07
N ALA C 117 -18.00 11.11 -15.93
CA ALA C 117 -18.37 10.17 -16.99
C ALA C 117 -17.23 10.02 -18.00
N LYS C 118 -16.61 11.13 -18.41
CA LYS C 118 -15.47 11.02 -19.31
C LYS C 118 -14.36 10.16 -18.69
N MET C 119 -14.11 10.36 -17.38
CA MET C 119 -13.06 9.59 -16.72
C MET C 119 -13.38 8.11 -16.71
N GLN C 120 -14.65 7.75 -16.43
CA GLN C 120 -14.98 6.33 -16.45
C GLN C 120 -14.98 5.77 -17.88
N ASP C 121 -15.30 6.62 -18.87
CA ASP C 121 -15.31 6.15 -20.24
C ASP C 121 -13.90 6.02 -20.81
N LEU C 122 -13.05 7.01 -20.57
CA LEU C 122 -11.64 6.92 -20.96
C LEU C 122 -11.01 5.63 -20.42
N LEU C 123 -11.21 5.35 -19.14
CA LEU C 123 -10.56 4.17 -18.58
C LEU C 123 -11.27 2.89 -18.99
N LYS C 124 -12.61 2.90 -19.14
CA LYS C 124 -13.27 1.72 -19.68
C LYS C 124 -12.80 1.43 -21.10
N LYS C 125 -12.68 2.46 -21.94
CA LYS C 125 -12.27 2.24 -23.32
C LYS C 125 -10.81 1.80 -23.39
N ALA C 126 -9.95 2.38 -22.55
CA ALA C 126 -8.56 1.92 -22.48
C ALA C 126 -8.49 0.47 -22.05
N SER C 127 -9.33 0.07 -21.09
CA SER C 127 -9.40 -1.32 -20.66
C SER C 127 -9.75 -2.26 -21.80
N GLU C 128 -10.55 -1.81 -22.76
CA GLU C 128 -11.04 -2.67 -23.83
C GLU C 128 -10.13 -2.68 -25.06
N GLU C 129 -9.13 -1.81 -25.13
CA GLU C 129 -8.12 -1.86 -26.18
C GLU C 129 -7.31 -3.16 -26.06
N ASP C 130 -6.52 -3.43 -27.10
CA ASP C 130 -5.69 -4.63 -27.17
C ASP C 130 -4.27 -4.27 -26.73
N HIS C 131 -3.82 -4.89 -25.62
CA HIS C 131 -2.51 -4.62 -25.05
C HIS C 131 -1.53 -5.77 -25.28
N THR C 132 -1.83 -6.66 -26.24
CA THR C 132 -0.99 -7.82 -26.49
C THR C 132 0.48 -7.45 -26.67
N ASN C 133 0.75 -6.30 -27.28
CA ASN C 133 2.11 -5.88 -27.61
C ASN C 133 2.68 -4.85 -26.65
N ALA C 134 1.95 -4.53 -25.58
CA ALA C 134 2.43 -3.65 -24.53
C ALA C 134 2.96 -4.45 -23.34
N ALA C 135 4.00 -3.90 -22.69
CA ALA C 135 4.51 -4.46 -21.45
C ALA C 135 3.60 -4.15 -20.26
N CYS C 136 3.14 -2.91 -20.13
CA CYS C 136 2.34 -2.55 -18.97
C CYS C 136 1.36 -1.45 -19.35
N PHE C 137 0.85 -0.73 -18.34
CA PHE C 137 -0.15 0.31 -18.51
C PHE C 137 -0.03 1.27 -17.33
N ALA C 138 -0.13 2.56 -17.60
CA ALA C 138 -0.01 3.55 -16.54
C ALA C 138 -1.15 4.55 -16.66
N CYS C 139 -1.66 4.99 -15.51
CA CYS C 139 -2.67 6.02 -15.46
C CYS C 139 -2.29 7.02 -14.37
N ILE C 140 -2.23 8.29 -14.73
CA ILE C 140 -1.90 9.37 -13.79
C ILE C 140 -3.13 10.26 -13.63
N LEU C 141 -3.58 10.44 -12.38
CA LEU C 141 -4.74 11.26 -12.05
C LEU C 141 -4.31 12.47 -11.23
N LEU C 142 -4.56 13.67 -11.74
CA LEU C 142 -4.27 14.92 -11.03
C LEU C 142 -5.57 15.70 -10.86
N SER C 143 -6.07 15.81 -9.64
CA SER C 143 -7.37 16.42 -9.41
C SER C 143 -7.53 16.68 -7.91
N HIS C 144 -8.71 17.18 -7.54
CA HIS C 144 -9.12 17.23 -6.13
C HIS C 144 -9.64 15.87 -5.70
N GLY C 145 -9.52 15.59 -4.40
CA GLY C 145 -10.01 14.34 -3.91
C GLY C 145 -10.43 14.40 -2.45
N GLU C 146 -11.17 13.37 -2.05
CA GLU C 146 -11.42 13.00 -0.67
C GLU C 146 -11.13 11.51 -0.56
N GLU C 147 -11.29 10.96 0.63
CA GLU C 147 -10.95 9.55 0.86
C GLU C 147 -11.70 8.64 -0.11
N ASN C 148 -10.95 7.82 -0.84
CA ASN C 148 -11.44 6.81 -1.77
C ASN C 148 -12.06 7.38 -3.04
N VAL C 149 -12.13 8.70 -3.21
CA VAL C 149 -12.86 9.29 -4.32
C VAL C 149 -12.00 10.36 -4.98
N ILE C 150 -12.25 10.55 -6.27
CA ILE C 150 -11.55 11.54 -7.08
C ILE C 150 -12.58 12.47 -7.72
N TYR C 151 -12.25 13.76 -7.79
CA TYR C 151 -13.15 14.74 -8.38
C TYR C 151 -13.02 14.73 -9.90
N GLY C 152 -14.16 14.67 -10.57
CA GLY C 152 -14.25 15.16 -11.94
C GLY C 152 -14.48 16.65 -11.94
N LYS C 153 -14.72 17.19 -13.15
CA LYS C 153 -15.14 18.58 -13.27
C LYS C 153 -16.46 18.81 -12.53
N ASP C 154 -17.35 17.83 -12.54
CA ASP C 154 -18.70 17.98 -12.03
C ASP C 154 -18.91 17.42 -10.63
N GLY C 155 -18.24 16.33 -10.26
CA GLY C 155 -18.46 15.70 -8.96
C GLY C 155 -17.35 14.72 -8.63
N VAL C 156 -17.67 13.72 -7.80
CA VAL C 156 -16.70 12.71 -7.39
C VAL C 156 -17.09 11.35 -7.95
N THR C 157 -16.08 10.53 -8.24
CA THR C 157 -16.25 9.11 -8.52
C THR C 157 -15.26 8.30 -7.68
N PRO C 158 -15.65 7.12 -7.25
CA PRO C 158 -14.75 6.28 -6.45
C PRO C 158 -13.57 5.80 -7.30
N ILE C 159 -12.36 5.98 -6.74
CA ILE C 159 -11.14 5.52 -7.39
C ILE C 159 -11.23 4.04 -7.74
N LYS C 160 -11.81 3.24 -6.83
CA LYS C 160 -11.99 1.82 -7.11
C LYS C 160 -12.76 1.58 -8.41
N ASP C 161 -13.68 2.46 -8.77
CA ASP C 161 -14.49 2.23 -9.96
C ASP C 161 -13.70 2.51 -11.24
N LEU C 162 -12.75 3.45 -11.18
CA LEU C 162 -11.85 3.66 -12.32
C LEU C 162 -10.89 2.50 -12.50
N THR C 163 -10.29 2.00 -11.40
CA THR C 163 -9.26 0.95 -11.53
C THR C 163 -9.83 -0.44 -11.79
N ALA C 164 -11.10 -0.70 -11.42
CA ALA C 164 -11.63 -2.06 -11.52
C ALA C 164 -11.73 -2.55 -12.96
N HIS C 165 -11.76 -1.62 -13.93
CA HIS C 165 -11.82 -1.99 -15.35
C HIS C 165 -10.64 -2.82 -15.80
N PHE C 166 -9.54 -2.80 -15.05
CA PHE C 166 -8.30 -3.43 -15.47
C PHE C 166 -8.05 -4.73 -14.73
N ARG C 167 -9.00 -5.20 -13.91
CA ARG C 167 -8.84 -6.49 -13.26
C ARG C 167 -8.62 -7.60 -14.28
N GLY C 168 -8.04 -8.70 -13.79
CA GLY C 168 -7.64 -9.77 -14.69
C GLY C 168 -8.80 -10.37 -15.46
N ASP C 169 -10.00 -10.31 -14.91
CA ASP C 169 -11.17 -10.89 -15.55
C ASP C 169 -11.93 -9.88 -16.40
N ARG C 170 -11.42 -8.64 -16.55
CA ARG C 170 -12.06 -7.61 -17.36
C ARG C 170 -11.11 -7.00 -18.38
N CYS C 171 -9.91 -7.54 -18.54
CA CYS C 171 -8.89 -7.02 -19.44
C CYS C 171 -7.82 -8.08 -19.63
N LYS C 172 -8.12 -9.09 -20.44
CA LYS C 172 -7.24 -10.26 -20.51
C LYS C 172 -5.87 -9.91 -21.08
N THR C 173 -5.76 -8.80 -21.80
CA THR C 173 -4.51 -8.48 -22.48
C THR C 173 -3.50 -7.81 -21.56
N LEU C 174 -3.88 -7.51 -20.32
CA LEU C 174 -2.96 -7.06 -19.30
C LEU C 174 -2.80 -8.09 -18.19
N LEU C 175 -3.27 -9.32 -18.39
CA LEU C 175 -3.05 -10.36 -17.40
C LEU C 175 -1.56 -10.58 -17.21
N GLU C 176 -1.13 -10.65 -15.94
CA GLU C 176 0.28 -10.82 -15.57
C GLU C 176 1.13 -9.62 -15.96
N LYS C 177 0.52 -8.49 -16.24
CA LYS C 177 1.29 -7.30 -16.58
C LYS C 177 1.02 -6.21 -15.55
N PRO C 178 1.98 -5.36 -15.25
CA PRO C 178 1.74 -4.34 -14.22
C PRO C 178 0.78 -3.29 -14.74
N LYS C 179 -0.17 -2.89 -13.86
CA LYS C 179 -1.05 -1.75 -14.08
C LYS C 179 -0.78 -0.72 -13.00
N LEU C 180 -0.26 0.44 -13.39
CA LEU C 180 0.23 1.44 -12.46
C LEU C 180 -0.69 2.67 -12.43
N PHE C 181 -1.08 3.10 -11.23
CA PHE C 181 -1.90 4.29 -11.04
C PHE C 181 -1.17 5.23 -10.11
N PHE C 182 -0.92 6.45 -10.58
CA PHE C 182 -0.32 7.52 -9.80
C PHE C 182 -1.40 8.54 -9.52
N ILE C 183 -1.68 8.84 -8.25
CA ILE C 183 -2.82 9.68 -7.87
C ILE C 183 -2.32 10.83 -7.01
N GLN C 184 -2.38 12.05 -7.57
CA GLN C 184 -2.16 13.29 -6.85
C GLN C 184 -3.53 13.90 -6.57
N ALA C 185 -3.98 13.78 -5.32
CA ALA C 185 -5.29 14.24 -4.90
C ALA C 185 -5.34 14.22 -3.38
N CYS C 186 -6.32 14.91 -2.83
CA CYS C 186 -6.50 14.85 -1.38
C CYS C 186 -7.23 13.58 -1.00
N ARG C 187 -7.02 13.16 0.25
CA ARG C 187 -7.66 11.94 0.75
C ARG C 187 -8.36 12.20 2.07
N GLY C 188 -8.61 13.47 2.40
CA GLY C 188 -9.22 13.85 3.64
C GLY C 188 -8.71 15.21 4.06
N THR C 189 -9.06 15.61 5.27
CA THR C 189 -8.76 16.95 5.75
C THR C 189 -7.72 16.97 6.87
N GLU C 190 -7.03 15.86 7.11
CA GLU C 190 -6.05 15.85 8.18
C GLU C 190 -4.73 16.49 7.72
N LEU C 191 -4.02 17.09 8.67
CA LEU C 191 -2.76 17.76 8.42
C LEU C 191 -1.67 17.11 9.27
N ASP C 192 -0.49 16.91 8.68
CA ASP C 192 0.64 16.28 9.34
C ASP C 192 1.54 17.39 9.88
N ASP C 193 1.45 17.64 11.19
CA ASP C 193 2.18 18.72 11.85
C ASP C 193 3.68 18.47 11.90
N GLY C 194 4.13 17.24 11.64
CA GLY C 194 5.54 16.93 11.64
C GLY C 194 6.12 16.82 13.04
N ILE C 195 7.42 16.56 13.09
CA ILE C 195 8.16 16.49 14.34
C ILE C 195 9.66 16.57 14.03
N GLN C 196 10.36 17.51 14.67
CA GLN C 196 11.77 17.80 14.40
C GLN C 196 12.66 16.56 14.24
N LYS D 14 -4.76 -20.62 -12.80
CA LYS D 14 -5.52 -19.40 -12.50
C LYS D 14 -4.68 -18.40 -11.65
N ILE D 15 -4.87 -17.11 -11.89
CA ILE D 15 -4.20 -16.08 -11.11
C ILE D 15 -5.25 -15.11 -10.56
N PRO D 16 -4.99 -14.42 -9.44
CA PRO D 16 -6.02 -13.56 -8.84
C PRO D 16 -6.34 -12.37 -9.71
N VAL D 17 -7.62 -11.99 -9.74
CA VAL D 17 -8.03 -10.87 -10.58
C VAL D 17 -7.46 -9.55 -10.07
N GLU D 18 -7.12 -9.46 -8.78
CA GLU D 18 -6.61 -8.20 -8.21
C GLU D 18 -5.10 -8.06 -8.26
N ALA D 19 -4.40 -9.04 -8.83
CA ALA D 19 -2.94 -9.03 -8.85
C ALA D 19 -2.37 -8.01 -9.86
N ASP D 20 -1.12 -7.62 -9.61
CA ASP D 20 -0.30 -6.80 -10.52
C ASP D 20 -0.84 -5.39 -10.70
N PHE D 21 -1.48 -4.83 -9.68
CA PHE D 21 -1.73 -3.40 -9.62
C PHE D 21 -0.69 -2.74 -8.72
N LEU D 22 -0.40 -1.48 -9.00
CA LEU D 22 0.32 -0.65 -8.07
C LEU D 22 -0.34 0.73 -8.01
N PHE D 23 -0.64 1.21 -6.81
CA PHE D 23 -1.13 2.56 -6.60
C PHE D 23 -0.06 3.35 -5.87
N ALA D 24 0.42 4.41 -6.51
CA ALA D 24 1.32 5.37 -5.91
C ALA D 24 0.50 6.62 -5.58
N TYR D 25 0.10 6.76 -4.33
CA TYR D 25 -0.63 7.93 -3.88
C TYR D 25 0.31 9.01 -3.37
N SER D 26 -0.11 10.26 -3.54
CA SER D 26 0.69 11.39 -3.09
C SER D 26 0.70 11.52 -1.58
N THR D 27 -0.25 10.90 -0.89
CA THR D 27 -0.42 11.11 0.54
C THR D 27 -1.13 9.91 1.15
N VAL D 28 -1.13 9.84 2.48
CA VAL D 28 -1.74 8.70 3.18
C VAL D 28 -3.23 8.95 3.31
N PRO D 29 -4.05 7.90 3.47
CA PRO D 29 -5.51 8.10 3.64
C PRO D 29 -5.84 9.09 4.75
N GLY D 30 -6.88 9.89 4.52
CA GLY D 30 -7.33 10.87 5.49
C GLY D 30 -6.63 12.22 5.45
N TYR D 31 -5.53 12.34 4.71
CA TYR D 31 -4.72 13.54 4.78
C TYR D 31 -4.84 14.40 3.53
N TYR D 32 -4.53 15.67 3.72
CA TYR D 32 -4.37 16.63 2.63
C TYR D 32 -3.16 16.27 1.78
N SER D 33 -3.16 16.78 0.56
CA SER D 33 -2.03 16.65 -0.34
C SER D 33 -1.66 18.04 -0.82
N TRP D 34 -0.37 18.36 -0.77
CA TRP D 34 0.11 19.74 -0.94
C TRP D 34 0.53 20.03 -2.37
N ARG D 35 0.25 21.25 -2.82
CA ARG D 35 0.58 21.72 -4.16
C ARG D 35 1.09 23.15 -4.08
N SER D 36 2.25 23.40 -4.68
CA SER D 36 2.75 24.76 -4.86
C SER D 36 2.30 25.30 -6.21
N PRO D 37 1.53 26.39 -6.26
CA PRO D 37 1.03 26.88 -7.56
C PRO D 37 2.14 27.31 -8.49
N GLY D 38 3.30 27.71 -7.96
CA GLY D 38 4.40 28.14 -8.78
C GLY D 38 5.31 27.04 -9.27
N ARG D 39 5.43 25.94 -8.49
CA ARG D 39 6.33 24.86 -8.86
C ARG D 39 5.65 23.52 -9.09
N GLY D 40 4.34 23.42 -8.87
CA GLY D 40 3.63 22.16 -8.99
C GLY D 40 3.46 21.46 -7.66
N SER D 41 2.68 20.38 -7.68
CA SER D 41 2.47 19.57 -6.48
C SER D 41 3.77 18.92 -6.01
N TRP D 42 3.90 18.78 -4.68
CA TRP D 42 5.12 18.23 -4.07
C TRP D 42 5.43 16.85 -4.61
N PHE D 43 4.43 15.98 -4.64
CA PHE D 43 4.65 14.60 -5.06
C PHE D 43 5.16 14.53 -6.51
N VAL D 44 4.55 15.32 -7.41
CA VAL D 44 4.96 15.26 -8.81
C VAL D 44 6.36 15.83 -9.02
N GLN D 45 6.69 16.97 -8.39
CA GLN D 45 8.07 17.46 -8.45
C GLN D 45 9.06 16.37 -8.05
N ALA D 46 8.82 15.71 -6.91
CA ALA D 46 9.70 14.64 -6.47
C ALA D 46 9.71 13.48 -7.47
N LEU D 47 8.53 13.04 -7.90
CA LEU D 47 8.46 11.90 -8.83
C LEU D 47 9.25 12.17 -10.12
N CYS D 48 9.00 13.30 -10.77
CA CYS D 48 9.71 13.59 -12.02
C CYS D 48 11.20 13.77 -11.80
N SER D 49 11.61 14.33 -10.66
CA SER D 49 13.03 14.53 -10.43
C SER D 49 13.75 13.19 -10.29
N ILE D 50 13.20 12.27 -9.49
CA ILE D 50 13.76 10.92 -9.40
C ILE D 50 13.75 10.25 -10.76
N LEU D 51 12.61 10.29 -11.46
CA LEU D 51 12.48 9.60 -12.75
C LEU D 51 13.47 10.14 -13.78
N GLU D 52 13.64 11.47 -13.82
CA GLU D 52 14.63 12.01 -14.76
C GLU D 52 16.03 11.49 -14.45
N GLU D 53 16.35 11.25 -13.17
CA GLU D 53 17.69 10.79 -12.82
C GLU D 53 17.84 9.27 -12.80
N HIS D 54 16.74 8.51 -12.58
CA HIS D 54 16.88 7.08 -12.34
C HIS D 54 15.79 6.20 -12.93
N GLY D 55 14.90 6.75 -13.76
CA GLY D 55 13.75 6.00 -14.22
C GLY D 55 14.11 4.72 -14.95
N LYS D 56 15.28 4.66 -15.55
CA LYS D 56 15.69 3.45 -16.26
C LYS D 56 16.78 2.66 -15.55
N ASP D 57 17.18 3.05 -14.34
CA ASP D 57 18.11 2.22 -13.56
C ASP D 57 17.42 1.43 -12.46
N LEU D 58 16.50 2.06 -11.73
CA LEU D 58 16.01 1.53 -10.47
C LEU D 58 14.70 0.78 -10.66
N GLU D 59 14.47 -0.20 -9.81
CA GLU D 59 13.18 -0.86 -9.75
C GLU D 59 12.12 0.12 -9.22
N ILE D 60 10.85 -0.14 -9.56
CA ILE D 60 9.79 0.83 -9.27
C ILE D 60 9.67 1.11 -7.77
N MET D 61 9.86 0.07 -6.94
CA MET D 61 9.78 0.29 -5.49
C MET D 61 10.96 1.11 -4.97
N GLN D 62 12.15 0.97 -5.57
CA GLN D 62 13.26 1.86 -5.23
C GLN D 62 12.95 3.30 -5.64
N ILE D 63 12.45 3.48 -6.87
CA ILE D 63 12.05 4.82 -7.31
C ILE D 63 11.06 5.43 -6.33
N LEU D 64 9.96 4.72 -6.05
CA LEU D 64 8.92 5.32 -5.22
C LEU D 64 9.37 5.51 -3.79
N THR D 65 10.25 4.64 -3.28
CA THR D 65 10.79 4.84 -1.94
C THR D 65 11.61 6.13 -1.89
N ARG D 66 12.42 6.41 -2.92
CA ARG D 66 13.16 7.66 -2.95
C ARG D 66 12.23 8.86 -3.10
N VAL D 67 11.12 8.71 -3.84
CA VAL D 67 10.12 9.77 -3.90
C VAL D 67 9.55 10.03 -2.51
N ASN D 68 9.23 8.96 -1.77
CA ASN D 68 8.77 9.07 -0.38
C ASN D 68 9.74 9.88 0.47
N ASP D 69 11.03 9.52 0.43
CA ASP D 69 12.07 10.25 1.15
C ASP D 69 12.09 11.73 0.78
N ARG D 70 12.10 12.06 -0.53
CA ARG D 70 12.25 13.46 -0.91
C ARG D 70 11.03 14.29 -0.52
N VAL D 71 9.82 13.75 -0.68
CA VAL D 71 8.63 14.48 -0.22
C VAL D 71 8.69 14.69 1.29
N ALA D 72 9.15 13.67 2.04
CA ALA D 72 9.15 13.73 3.50
C ALA D 72 10.14 14.76 4.03
N ARG D 73 11.29 14.90 3.36
CA ARG D 73 12.38 15.73 3.85
C ARG D 73 12.45 17.12 3.22
N HIS D 74 12.15 17.25 1.92
CA HIS D 74 12.47 18.47 1.19
C HIS D 74 11.36 19.51 1.24
N PHE D 75 10.18 19.19 1.74
CA PHE D 75 9.04 20.08 1.62
C PHE D 75 8.44 20.37 2.98
N GLU D 76 8.03 21.62 3.16
CA GLU D 76 7.30 22.06 4.34
C GLU D 76 6.48 23.28 3.96
N SER D 77 5.19 23.26 4.25
CA SER D 77 4.28 24.25 3.69
C SER D 77 4.55 25.64 4.28
N GLN D 78 4.27 26.65 3.45
CA GLN D 78 4.21 28.05 3.88
C GLN D 78 2.83 28.57 3.55
N SER D 79 2.09 28.98 4.58
CA SER D 79 0.75 29.54 4.41
C SER D 79 0.61 30.78 5.27
N ASP D 80 -0.29 31.69 4.83
CA ASP D 80 -0.68 32.80 5.68
C ASP D 80 -1.41 32.29 6.92
N ASP D 81 -2.39 31.42 6.72
CA ASP D 81 -3.10 30.75 7.81
C ASP D 81 -2.10 29.99 8.67
N PRO D 82 -2.02 30.27 9.98
CA PRO D 82 -1.12 29.48 10.84
C PRO D 82 -1.61 28.06 11.08
N HIS D 83 -2.90 27.78 10.86
CA HIS D 83 -3.41 26.41 10.93
C HIS D 83 -2.91 25.55 9.77
N PHE D 84 -2.42 26.16 8.69
CA PHE D 84 -1.89 25.45 7.54
C PHE D 84 -0.38 25.65 7.39
N HIS D 85 0.28 26.15 8.43
CA HIS D 85 1.67 26.54 8.35
C HIS D 85 2.58 25.40 8.80
N GLU D 86 3.68 25.22 8.06
CA GLU D 86 4.77 24.31 8.45
C GLU D 86 4.30 22.86 8.54
N LYS D 87 3.40 22.47 7.64
CA LYS D 87 2.90 21.10 7.59
C LYS D 87 3.75 20.25 6.66
N LYS D 88 3.60 18.93 6.79
CA LYS D 88 4.48 17.96 6.16
C LYS D 88 3.63 16.93 5.43
N GLN D 89 4.28 16.01 4.71
CA GLN D 89 3.56 15.05 3.89
C GLN D 89 4.43 13.84 3.61
N ILE D 90 3.84 12.65 3.71
CA ILE D 90 4.48 11.41 3.30
C ILE D 90 3.58 10.75 2.26
N PRO D 91 4.10 10.37 1.07
CA PRO D 91 3.25 9.63 0.11
C PRO D 91 3.04 8.20 0.55
N CYS D 92 2.38 7.40 -0.27
CA CYS D 92 1.91 6.10 0.19
C CYS D 92 1.76 5.18 -1.01
N VAL D 93 2.46 4.05 -0.99
CA VAL D 93 2.52 3.12 -2.12
C VAL D 93 1.74 1.87 -1.74
N VAL D 94 0.89 1.39 -2.65
CA VAL D 94 0.14 0.15 -2.45
C VAL D 94 0.50 -0.78 -3.59
N SER D 95 1.05 -1.93 -3.26
CA SER D 95 1.60 -2.83 -4.26
C SER D 95 0.94 -4.20 -4.20
N MET D 96 0.35 -4.59 -5.33
CA MET D 96 -0.05 -5.97 -5.59
C MET D 96 0.83 -6.59 -6.66
N LEU D 97 2.00 -6.00 -6.91
CA LEU D 97 2.91 -6.54 -7.91
C LEU D 97 3.45 -7.90 -7.49
N THR D 98 3.70 -8.75 -8.48
CA THR D 98 4.21 -10.10 -8.26
C THR D 98 5.65 -10.25 -8.73
N LYS D 99 6.22 -9.20 -9.32
CA LYS D 99 7.57 -9.23 -9.83
C LYS D 99 8.20 -7.87 -9.65
N GLU D 100 9.52 -7.80 -9.80
CA GLU D 100 10.20 -6.53 -9.89
C GLU D 100 9.91 -5.88 -11.25
N LEU D 101 9.78 -4.55 -11.25
CA LEU D 101 9.45 -3.79 -12.45
C LEU D 101 10.58 -2.83 -12.74
N TYR D 102 11.28 -3.07 -13.84
CA TYR D 102 12.21 -2.11 -14.43
C TYR D 102 11.65 -1.66 -15.78
N PHE D 103 11.80 -0.38 -16.08
CA PHE D 103 11.49 0.15 -17.41
C PHE D 103 12.67 -0.09 -18.35
N SER D 104 12.89 -1.37 -18.68
CA SER D 104 14.02 -1.80 -19.51
C SER D 104 13.75 -3.12 -20.25
C ACE E 1 -10.07 -26.90 4.36
O ACE E 1 -10.29 -27.29 3.26
CH3 ACE E 1 -10.20 -27.86 5.54
N ASP E 2 -9.68 -25.67 4.70
CA ASP E 2 -9.44 -24.43 3.94
C ASP E 2 -10.58 -23.49 4.32
N GLU E 3 -10.27 -22.55 5.21
CA GLU E 3 -11.24 -21.66 5.83
C GLU E 3 -10.81 -20.22 5.61
N VAL E 4 -11.76 -19.29 5.78
CA VAL E 4 -11.47 -17.87 5.65
C VAL E 4 -11.27 -17.22 7.03
N Y2Y E 5 -10.58 -16.11 7.40
C2 Y2Y E 5 -13.79 -13.43 8.17
C3 Y2Y E 5 -15.05 -13.54 8.53
O2 Y2Y E 5 -15.65 -14.63 8.53
CB1 Y2Y E 5 -9.04 -14.89 8.63
CG1 Y2Y E 5 -8.27 -16.09 9.28
OD1 Y2Y E 5 -8.87 -16.95 9.98
OD2 Y2Y E 5 -7.07 -16.17 9.13
C1 Y2Y E 5 -12.98 -14.68 8.28
C Y2Y E 5 -11.43 -14.17 8.31
CA Y2Y E 5 -10.44 -15.26 8.24
O Y2Y E 5 -11.23 -13.41 9.09
N ALA E 6 -16.03 -12.59 8.66
CA ALA E 6 -17.48 -12.78 8.80
C ALA E 6 -18.16 -13.28 7.53
N ALA E 7 -19.43 -13.68 7.65
CA ALA E 7 -20.30 -13.91 6.50
C ALA E 7 -21.32 -12.78 6.51
N ALA E 8 -21.05 -11.73 5.72
CA ALA E 8 -21.87 -10.50 5.80
C ALA E 8 -22.95 -10.45 4.71
C ACE F 1 1.45 28.69 -0.97
O ACE F 1 1.94 29.65 -0.51
CH3 ACE F 1 0.50 28.85 -2.15
N ASP F 2 1.70 27.46 -0.46
CA ASP F 2 1.15 26.21 -0.96
C ASP F 2 -0.32 26.06 -0.60
N GLU F 3 -1.00 25.18 -1.33
CA GLU F 3 -2.43 24.94 -1.19
C GLU F 3 -2.67 23.43 -1.12
N VAL F 4 -3.89 23.07 -0.75
CA VAL F 4 -4.23 21.64 -0.63
C VAL F 4 -5.12 21.23 -1.81
N Y2Y F 5 -5.22 20.01 -2.41
C2 Y2Y F 5 -8.96 18.96 -0.64
C3 Y2Y F 5 -9.86 19.88 -0.40
O2 Y2Y F 5 -9.50 21.02 -0.11
CB1 Y2Y F 5 -5.39 18.27 -3.98
CG1 Y2Y F 5 -4.48 19.04 -4.99
OD1 Y2Y F 5 -4.83 20.16 -5.40
OD2 Y2Y F 5 -3.47 18.57 -5.40
C1 Y2Y F 5 -7.59 19.49 -0.91
C Y2Y F 5 -7.01 18.63 -2.15
CA Y2Y F 5 -5.97 19.24 -2.96
O Y2Y F 5 -7.76 18.09 -2.69
N ALA F 6 -11.17 19.51 -0.26
CA ALA F 6 -12.24 20.28 0.40
C ALA F 6 -11.97 20.50 1.91
N ALA F 7 -12.52 21.59 2.46
CA ALA F 7 -12.50 21.84 3.91
C ALA F 7 -13.85 21.37 4.46
N ALA F 8 -13.94 20.08 4.74
CA ALA F 8 -15.21 19.45 5.10
C ALA F 8 -15.49 19.50 6.60
#